data_2QLF
#
_entry.id   2QLF
#
_cell.length_a   87.464
_cell.length_b   87.464
_cell.length_c   185.825
_cell.angle_alpha   90.00
_cell.angle_beta   90.00
_cell.angle_gamma   120.00
#
_symmetry.space_group_name_H-M   'P 32 2 1'
#
loop_
_entity.id
_entity.type
_entity.pdbx_description
1 polymer Caspase-7
2 polymer Caspase-7
3 polymer 'Inhibitor AC-DNLD-CHO'
4 polymer 'Peptide QGHGE'
5 water water
#
loop_
_entity_poly.entity_id
_entity_poly.type
_entity_poly.pdbx_seq_one_letter_code
_entity_poly.pdbx_strand_id
1 'polypeptide(L)'
;AKPDRSSFVPSLFSKKKKNVTMRSIKTTRDRVPTYQYNMNFEKLGKCIIINNKNFDKVTGMGVRNGTDKDAEALFKCFRS
LGFDVIVYNDCSCAKMQDLLKKASEEDHTNAACFACILLSHGEENVIYGKDGVTPIKDLTAHFRGDRCKTLLEKPKLFFI
QACRGTELDDGIQ
;
A,C
2 'polypeptide(L)'
;ANPRYKIPVEADFLFAYSTVPGYYSWRSPGRGSWFVQALCSILEEHGKDLEIMQILTRVNDRVARHFESQSDDPHFHEKK
QIPCVVSMLTKELYFSQ
;
B,D
3 'polypeptide(L)' (ACE)DNL(ASJ) E,F
4 'polypeptide(L)' QGHGE G
#
loop_
_chem_comp.id
_chem_comp.type
_chem_comp.name
_chem_comp.formula
ACE non-polymer 'ACETYL GROUP' 'C2 H4 O'
ASJ peptide-like '(3S)-3-amino-4-hydroxybutanoic acid' 'C4 H9 N O3'
#
# COMPACT_ATOMS: atom_id res chain seq x y z
N TYR A 35 -13.70 -7.35 13.98
CA TYR A 35 -12.56 -6.41 13.73
C TYR A 35 -11.21 -7.14 13.65
N GLN A 36 -11.27 -8.47 13.64
CA GLN A 36 -10.07 -9.29 13.60
C GLN A 36 -10.28 -10.52 12.74
N TYR A 37 -9.28 -10.87 11.95
CA TYR A 37 -9.41 -12.07 11.13
C TYR A 37 -9.49 -13.27 12.07
N ASN A 38 -10.49 -14.12 11.88
CA ASN A 38 -10.62 -15.31 12.72
C ASN A 38 -9.44 -16.24 12.44
N MET A 39 -8.64 -16.50 13.48
CA MET A 39 -7.48 -17.37 13.35
C MET A 39 -7.73 -18.77 13.91
N ASN A 40 -8.97 -19.04 14.30
CA ASN A 40 -9.30 -20.32 14.87
C ASN A 40 -9.46 -21.45 13.84
N PHE A 41 -8.33 -21.96 13.36
CA PHE A 41 -8.31 -23.06 12.41
C PHE A 41 -7.26 -24.04 12.93
N GLU A 42 -7.20 -25.25 12.38
CA GLU A 42 -6.21 -26.17 12.89
C GLU A 42 -4.85 -25.85 12.31
N LYS A 43 -4.86 -25.15 11.19
CA LYS A 43 -3.64 -24.81 10.48
C LYS A 43 -3.58 -23.31 10.24
N LEU A 44 -2.47 -22.67 10.61
CA LEU A 44 -2.31 -21.25 10.37
C LEU A 44 -2.32 -21.01 8.85
N GLY A 45 -1.62 -21.88 8.12
CA GLY A 45 -1.59 -21.75 6.68
C GLY A 45 -0.30 -22.17 6.00
N LYS A 46 -0.30 -22.16 4.68
CA LYS A 46 0.87 -22.54 3.93
C LYS A 46 1.73 -21.30 3.65
N CYS A 47 3.03 -21.51 3.48
CA CYS A 47 3.92 -20.40 3.20
C CYS A 47 4.91 -20.84 2.13
N ILE A 48 4.81 -20.23 0.97
CA ILE A 48 5.70 -20.54 -0.12
C ILE A 48 6.82 -19.53 -0.18
N ILE A 49 8.04 -19.98 0.05
CA ILE A 49 9.19 -19.08 -0.03
C ILE A 49 9.92 -19.42 -1.32
N ILE A 50 9.99 -18.46 -2.24
CA ILE A 50 10.71 -18.69 -3.49
C ILE A 50 12.05 -17.97 -3.40
N ASN A 51 13.13 -18.74 -3.39
CA ASN A 51 14.47 -18.17 -3.27
C ASN A 51 15.29 -18.29 -4.56
N ASN A 52 15.24 -17.26 -5.39
CA ASN A 52 15.98 -17.22 -6.65
C ASN A 52 17.34 -16.57 -6.44
N LYS A 53 18.41 -17.36 -6.57
CA LYS A 53 19.77 -16.87 -6.37
C LYS A 53 20.56 -16.78 -7.67
N ASN A 54 20.44 -17.83 -8.47
CA ASN A 54 21.15 -17.94 -9.74
C ASN A 54 20.22 -17.74 -10.91
N PHE A 55 20.66 -16.97 -11.91
CA PHE A 55 19.84 -16.72 -13.07
C PHE A 55 20.57 -17.09 -14.37
N ASP A 56 19.79 -17.33 -15.42
CA ASP A 56 20.35 -17.70 -16.70
C ASP A 56 21.16 -16.55 -17.29
N LYS A 57 22.36 -16.85 -17.77
CA LYS A 57 23.23 -15.83 -18.34
C LYS A 57 22.54 -14.96 -19.39
N VAL A 58 21.41 -15.42 -19.91
CA VAL A 58 20.68 -14.66 -20.91
C VAL A 58 19.91 -13.51 -20.27
N THR A 59 19.38 -13.73 -19.07
CA THR A 59 18.63 -12.69 -18.37
C THR A 59 19.51 -11.49 -18.06
N GLY A 60 20.81 -11.76 -17.92
CA GLY A 60 21.76 -10.71 -17.63
C GLY A 60 21.91 -10.38 -16.16
N MET A 61 21.02 -10.92 -15.33
CA MET A 61 21.07 -10.67 -13.89
C MET A 61 22.16 -11.52 -13.21
N GLY A 62 22.76 -10.96 -12.16
CA GLY A 62 23.82 -11.66 -11.44
C GLY A 62 23.36 -12.41 -10.20
N VAL A 63 24.29 -13.14 -9.60
CA VAL A 63 23.99 -13.93 -8.40
C VAL A 63 23.66 -13.08 -7.19
N ARG A 64 22.46 -13.32 -6.64
CA ARG A 64 21.97 -12.59 -5.47
C ARG A 64 22.52 -13.20 -4.19
N ASN A 65 23.77 -12.87 -3.87
CA ASN A 65 24.41 -13.39 -2.67
C ASN A 65 23.69 -12.93 -1.42
N GLY A 66 23.76 -13.76 -0.38
CA GLY A 66 23.10 -13.41 0.87
C GLY A 66 21.62 -13.74 0.84
N THR A 67 21.10 -14.11 -0.33
CA THR A 67 19.69 -14.44 -0.45
C THR A 67 19.37 -15.71 0.33
N ASP A 68 20.32 -16.65 0.33
CA ASP A 68 20.12 -17.90 1.06
C ASP A 68 20.04 -17.63 2.54
N LYS A 69 20.70 -16.56 2.97
CA LYS A 69 20.67 -16.17 4.37
C LYS A 69 19.26 -15.65 4.66
N ASP A 70 18.72 -14.85 3.74
CA ASP A 70 17.37 -14.32 3.92
C ASP A 70 16.37 -15.48 3.96
N ALA A 71 16.48 -16.38 2.99
CA ALA A 71 15.58 -17.52 2.93
C ALA A 71 15.57 -18.27 4.25
N GLU A 72 16.72 -18.79 4.67
CA GLU A 72 16.77 -19.53 5.91
C GLU A 72 16.23 -18.72 7.08
N ALA A 73 16.57 -17.44 7.10
CA ALA A 73 16.11 -16.55 8.16
C ALA A 73 14.58 -16.47 8.15
N LEU A 74 14.01 -16.42 6.95
CA LEU A 74 12.57 -16.34 6.79
C LEU A 74 11.93 -17.70 7.11
N PHE A 75 12.59 -18.77 6.69
CA PHE A 75 12.07 -20.11 6.94
C PHE A 75 11.83 -20.35 8.42
N LYS A 76 12.65 -19.76 9.28
CA LYS A 76 12.48 -19.94 10.71
C LYS A 76 11.38 -19.04 11.27
N CYS A 77 11.41 -17.76 10.93
CA CYS A 77 10.39 -16.84 11.42
C CYS A 77 9.00 -17.33 11.09
N PHE A 78 8.73 -17.53 9.81
CA PHE A 78 7.41 -17.98 9.38
C PHE A 78 7.05 -19.35 9.92
N ARG A 79 8.06 -20.14 10.25
CA ARG A 79 7.85 -21.48 10.82
C ARG A 79 7.36 -21.23 12.25
N SER A 80 8.14 -20.45 12.99
CA SER A 80 7.84 -20.11 14.38
C SER A 80 6.45 -19.53 14.50
N LEU A 81 6.02 -18.80 13.48
CA LEU A 81 4.70 -18.19 13.47
C LEU A 81 3.62 -19.27 13.38
N GLY A 82 3.93 -20.38 12.72
CA GLY A 82 2.96 -21.44 12.57
C GLY A 82 2.69 -21.83 11.12
N PHE A 83 3.42 -21.24 10.18
CA PHE A 83 3.22 -21.54 8.76
C PHE A 83 3.91 -22.84 8.38
N ASP A 84 3.26 -23.63 7.53
CA ASP A 84 3.86 -24.86 7.05
C ASP A 84 4.58 -24.36 5.80
N VAL A 85 5.82 -23.93 6.01
CA VAL A 85 6.61 -23.37 4.92
C VAL A 85 7.41 -24.37 4.12
N ILE A 86 7.59 -24.06 2.84
CA ILE A 86 8.38 -24.87 1.92
C ILE A 86 9.14 -23.88 1.05
N VAL A 87 10.40 -24.18 0.77
CA VAL A 87 11.23 -23.30 -0.06
C VAL A 87 11.53 -23.92 -1.44
N TYR A 88 11.61 -23.06 -2.46
CA TYR A 88 11.88 -23.48 -3.83
C TYR A 88 13.01 -22.62 -4.35
N ASN A 89 14.04 -23.23 -4.92
CA ASN A 89 15.16 -22.43 -5.39
C ASN A 89 15.32 -22.28 -6.89
N ASP A 90 15.78 -21.10 -7.29
CA ASP A 90 15.99 -20.77 -8.69
C ASP A 90 14.86 -21.33 -9.55
N CYS A 91 13.65 -20.81 -9.34
CA CYS A 91 12.52 -21.27 -10.11
C CYS A 91 12.41 -20.53 -11.42
N SER A 92 11.89 -21.21 -12.44
CA SER A 92 11.69 -20.61 -13.75
C SER A 92 10.37 -19.85 -13.60
N CYS A 93 10.09 -18.94 -14.51
CA CYS A 93 8.84 -18.19 -14.42
C CYS A 93 7.66 -19.16 -14.45
N ALA A 94 7.76 -20.19 -15.27
CA ALA A 94 6.69 -21.18 -15.35
C ALA A 94 6.53 -21.84 -13.98
N LYS A 95 7.65 -22.27 -13.42
CA LYS A 95 7.68 -22.92 -12.11
C LYS A 95 6.93 -22.09 -11.07
N MET A 96 7.23 -20.79 -11.05
CA MET A 96 6.62 -19.85 -10.10
C MET A 96 5.13 -19.73 -10.36
N GLN A 97 4.73 -19.85 -11.62
CA GLN A 97 3.32 -19.76 -11.95
C GLN A 97 2.61 -21.02 -11.50
N ASP A 98 3.16 -22.17 -11.90
CA ASP A 98 2.56 -23.45 -11.54
C ASP A 98 2.48 -23.57 -10.01
N LEU A 99 3.58 -23.26 -9.33
CA LEU A 99 3.63 -23.32 -7.88
C LEU A 99 2.51 -22.54 -7.21
N LEU A 100 2.30 -21.29 -7.63
CA LEU A 100 1.25 -20.46 -7.04
C LEU A 100 -0.12 -20.86 -7.54
N LYS A 101 -0.17 -21.38 -8.76
CA LYS A 101 -1.44 -21.82 -9.31
C LYS A 101 -1.89 -22.99 -8.44
N LYS A 102 -1.07 -24.03 -8.41
CA LYS A 102 -1.37 -25.23 -7.64
C LYS A 102 -1.73 -24.92 -6.20
N ALA A 103 -0.94 -24.08 -5.55
CA ALA A 103 -1.21 -23.73 -4.16
C ALA A 103 -2.63 -23.20 -4.02
N SER A 104 -3.01 -22.30 -4.92
CA SER A 104 -4.35 -21.72 -4.91
C SER A 104 -5.43 -22.79 -5.09
N GLU A 105 -5.08 -23.84 -5.83
CA GLU A 105 -6.00 -24.93 -6.10
C GLU A 105 -6.02 -25.95 -4.98
N GLU A 106 -5.24 -25.69 -3.94
CA GLU A 106 -5.20 -26.55 -2.77
C GLU A 106 -6.42 -26.22 -1.90
N ASP A 107 -6.74 -27.08 -0.95
CA ASP A 107 -7.90 -26.85 -0.09
C ASP A 107 -7.46 -26.17 1.20
N HIS A 108 -7.79 -24.88 1.31
CA HIS A 108 -7.42 -24.10 2.46
C HIS A 108 -8.54 -23.98 3.49
N THR A 109 -9.46 -24.94 3.45
CA THR A 109 -10.57 -24.93 4.38
C THR A 109 -10.15 -24.90 5.85
N ASN A 110 -9.07 -25.59 6.18
CA ASN A 110 -8.61 -25.62 7.56
C ASN A 110 -7.44 -24.71 7.84
N ALA A 111 -7.27 -23.72 6.98
CA ALA A 111 -6.18 -22.76 7.13
C ALA A 111 -6.77 -21.39 7.50
N ALA A 112 -6.02 -20.63 8.29
CA ALA A 112 -6.43 -19.30 8.71
C ALA A 112 -6.13 -18.32 7.58
N CYS A 113 -4.95 -18.48 6.99
CA CYS A 113 -4.51 -17.61 5.91
C CYS A 113 -3.52 -18.33 5.01
N PHE A 114 -2.86 -17.55 4.15
CA PHE A 114 -1.87 -18.06 3.20
C PHE A 114 -0.75 -17.04 3.13
N ALA A 115 0.47 -17.50 2.87
CA ALA A 115 1.61 -16.60 2.79
C ALA A 115 2.54 -17.00 1.66
N CYS A 116 3.16 -16.01 1.03
CA CYS A 116 4.09 -16.27 -0.05
C CYS A 116 5.21 -15.24 -0.03
N ILE A 117 6.45 -15.71 -0.04
CA ILE A 117 7.60 -14.83 -0.03
C ILE A 117 8.41 -15.01 -1.29
N LEU A 118 8.64 -13.92 -2.01
CA LEU A 118 9.40 -13.94 -3.25
C LEU A 118 10.70 -13.17 -3.05
N LEU A 119 11.81 -13.85 -3.29
CA LEU A 119 13.12 -13.23 -3.17
C LEU A 119 13.77 -13.41 -4.53
N SER A 120 14.05 -12.31 -5.21
CA SER A 120 14.62 -12.39 -6.55
C SER A 120 14.93 -11.02 -7.12
N HIS A 121 15.30 -11.01 -8.40
CA HIS A 121 15.57 -9.78 -9.11
C HIS A 121 14.21 -9.32 -9.57
N GLY A 122 14.04 -8.02 -9.72
CA GLY A 122 12.74 -7.54 -10.16
C GLY A 122 12.76 -6.14 -10.69
N GLU A 123 11.67 -5.79 -11.38
CA GLU A 123 11.48 -4.48 -11.95
C GLU A 123 10.04 -4.10 -11.63
N GLU A 124 9.64 -2.91 -12.06
CA GLU A 124 8.30 -2.41 -11.84
C GLU A 124 7.26 -3.47 -12.22
N ASN A 125 6.42 -3.87 -11.27
CA ASN A 125 5.35 -4.84 -11.53
C ASN A 125 5.76 -6.27 -11.89
N VAL A 126 7.04 -6.60 -11.77
CA VAL A 126 7.47 -7.94 -12.13
C VAL A 126 8.68 -8.47 -11.36
N ILE A 127 8.81 -9.80 -11.29
CA ILE A 127 9.93 -10.48 -10.63
C ILE A 127 10.62 -11.35 -11.66
N TYR A 128 11.87 -11.71 -11.39
CA TYR A 128 12.61 -12.54 -12.29
C TYR A 128 12.54 -14.01 -11.91
N GLY A 129 12.59 -14.85 -12.93
CA GLY A 129 12.62 -16.29 -12.75
C GLY A 129 14.05 -16.50 -13.21
N LYS A 130 14.67 -17.64 -12.95
CA LYS A 130 16.04 -17.79 -13.42
C LYS A 130 16.08 -17.62 -14.94
N ASP A 131 14.94 -17.82 -15.59
CA ASP A 131 14.86 -17.73 -17.04
C ASP A 131 14.25 -16.44 -17.62
N GLY A 132 13.79 -15.53 -16.76
CA GLY A 132 13.21 -14.29 -17.27
C GLY A 132 12.37 -13.51 -16.29
N VAL A 133 11.39 -12.76 -16.78
CA VAL A 133 10.55 -11.99 -15.86
C VAL A 133 9.08 -12.36 -16.04
N THR A 134 8.33 -12.32 -14.95
CA THR A 134 6.91 -12.62 -15.00
C THR A 134 6.13 -11.64 -14.13
N PRO A 135 4.98 -11.17 -14.65
CA PRO A 135 4.12 -10.22 -13.96
C PRO A 135 3.63 -10.72 -12.61
N ILE A 136 3.88 -9.93 -11.57
CA ILE A 136 3.47 -10.27 -10.22
C ILE A 136 1.97 -10.46 -10.14
N LYS A 137 1.24 -9.74 -11.00
CA LYS A 137 -0.21 -9.84 -11.02
C LYS A 137 -0.62 -11.28 -11.25
N ASP A 138 -0.04 -11.91 -12.27
CA ASP A 138 -0.38 -13.28 -12.59
C ASP A 138 -0.13 -14.23 -11.44
N LEU A 139 0.99 -14.06 -10.73
CA LEU A 139 1.30 -14.91 -9.60
C LEU A 139 0.24 -14.81 -8.52
N THR A 140 -0.13 -13.58 -8.19
CA THR A 140 -1.12 -13.33 -7.14
C THR A 140 -2.59 -13.46 -7.52
N ALA A 141 -2.94 -13.14 -8.75
CA ALA A 141 -4.33 -13.22 -9.18
C ALA A 141 -4.97 -14.56 -8.84
N HIS A 142 -4.18 -15.61 -8.86
CA HIS A 142 -4.66 -16.96 -8.57
C HIS A 142 -5.43 -17.07 -7.26
N PHE A 143 -5.23 -16.13 -6.35
CA PHE A 143 -5.86 -16.19 -5.05
C PHE A 143 -7.05 -15.27 -4.85
N ARG A 144 -7.55 -14.70 -5.94
CA ARG A 144 -8.70 -13.83 -5.87
C ARG A 144 -9.88 -14.65 -5.33
N GLY A 145 -10.83 -13.98 -4.69
CA GLY A 145 -11.98 -14.66 -4.12
C GLY A 145 -12.69 -15.60 -5.07
N ASP A 146 -12.74 -15.24 -6.34
CA ASP A 146 -13.42 -16.06 -7.32
C ASP A 146 -12.49 -17.07 -7.95
N ARG A 147 -11.30 -17.25 -7.39
CA ARG A 147 -10.34 -18.21 -7.94
C ARG A 147 -9.69 -19.07 -6.88
N CYS A 148 -10.25 -19.01 -5.68
CA CYS A 148 -9.76 -19.77 -4.55
C CYS A 148 -10.74 -19.52 -3.41
N LYS A 149 -11.81 -20.31 -3.38
CA LYS A 149 -12.86 -20.18 -2.38
C LYS A 149 -12.37 -20.39 -0.95
N THR A 150 -11.57 -21.44 -0.75
CA THR A 150 -11.07 -21.76 0.58
C THR A 150 -10.23 -20.67 1.26
N LEU A 151 -9.89 -19.63 0.51
CA LEU A 151 -9.11 -18.52 1.07
C LEU A 151 -9.94 -17.23 1.08
N LEU A 152 -11.23 -17.37 0.79
CA LEU A 152 -12.13 -16.23 0.76
C LEU A 152 -12.33 -15.69 2.18
N GLU A 153 -12.11 -14.40 2.35
CA GLU A 153 -12.25 -13.72 3.64
C GLU A 153 -11.10 -14.04 4.60
N LYS A 154 -10.06 -14.65 4.06
CA LYS A 154 -8.87 -15.01 4.82
C LYS A 154 -7.69 -14.25 4.22
N PRO A 155 -6.83 -13.67 5.07
CA PRO A 155 -5.68 -12.92 4.57
C PRO A 155 -4.76 -13.70 3.66
N LYS A 156 -4.38 -13.08 2.54
CA LYS A 156 -3.48 -13.65 1.54
C LYS A 156 -2.27 -12.73 1.56
N LEU A 157 -1.17 -13.18 2.16
CA LEU A 157 0.03 -12.35 2.30
C LEU A 157 1.19 -12.60 1.34
N PHE A 158 1.67 -11.53 0.73
CA PHE A 158 2.79 -11.60 -0.19
C PHE A 158 3.88 -10.64 0.24
N PHE A 159 5.06 -11.18 0.56
CA PHE A 159 6.21 -10.37 0.96
C PHE A 159 7.16 -10.42 -0.22
N ILE A 160 7.48 -9.26 -0.78
CA ILE A 160 8.33 -9.22 -1.96
C ILE A 160 9.62 -8.40 -1.86
N GLN A 161 10.75 -9.10 -1.79
CA GLN A 161 12.06 -8.46 -1.74
C GLN A 161 12.62 -8.53 -3.15
N ALA A 162 12.65 -7.38 -3.81
CA ALA A 162 13.14 -7.28 -5.19
C ALA A 162 13.05 -5.83 -5.62
N CYS A 163 13.78 -5.46 -6.66
CA CYS A 163 13.76 -4.10 -7.17
C CYS A 163 12.42 -3.83 -7.83
N ARG A 164 12.14 -2.55 -8.05
CA ARG A 164 10.90 -2.13 -8.67
C ARG A 164 11.20 -1.04 -9.68
N GLY A 165 12.49 -0.88 -9.94
CA GLY A 165 12.94 0.13 -10.87
C GLY A 165 14.42 0.31 -10.72
N THR A 166 14.91 1.48 -11.10
CA THR A 166 16.33 1.77 -11.02
C THR A 166 16.64 3.07 -10.30
N GLU A 167 15.65 3.63 -9.60
CA GLU A 167 15.84 4.87 -8.85
C GLU A 167 16.54 4.65 -7.50
N LEU A 168 17.23 5.67 -7.02
CA LEU A 168 17.93 5.61 -5.74
C LEU A 168 17.43 6.70 -4.81
N ASP A 169 17.45 6.42 -3.51
CA ASP A 169 16.98 7.38 -2.50
C ASP A 169 18.22 7.94 -1.78
N ASP A 170 18.51 9.21 -2.02
CA ASP A 170 19.70 9.85 -1.42
C ASP A 170 19.55 10.32 0.03
N GLY A 171 18.37 10.13 0.61
CA GLY A 171 18.16 10.54 1.98
C GLY A 171 18.26 12.05 2.22
N ILE A 172 18.10 12.46 3.47
CA ILE A 172 18.17 13.87 3.82
C ILE A 172 18.55 14.07 5.28
N GLN A 173 19.18 15.22 5.56
CA GLN A 173 19.64 15.62 6.89
C GLN A 173 20.48 14.58 7.61
N LYS B 6 -21.75 -10.58 -0.83
CA LYS B 6 -20.64 -10.53 -1.84
C LYS B 6 -19.33 -9.87 -1.35
N ILE B 7 -18.21 -10.44 -1.77
CA ILE B 7 -16.90 -9.94 -1.37
C ILE B 7 -16.12 -9.49 -2.60
N PRO B 8 -15.36 -8.39 -2.50
CA PRO B 8 -14.60 -7.97 -3.67
C PRO B 8 -13.58 -9.05 -3.97
N VAL B 9 -13.52 -9.53 -5.20
CA VAL B 9 -12.57 -10.59 -5.54
C VAL B 9 -11.12 -10.21 -5.21
N GLU B 10 -10.87 -8.91 -5.08
CA GLU B 10 -9.53 -8.42 -4.80
C GLU B 10 -9.28 -8.06 -3.33
N ALA B 11 -10.27 -8.33 -2.48
CA ALA B 11 -10.16 -8.02 -1.07
C ALA B 11 -9.22 -8.97 -0.32
N ASP B 12 -8.90 -8.60 0.92
CA ASP B 12 -8.04 -9.39 1.80
C ASP B 12 -6.65 -9.79 1.32
N PHE B 13 -6.05 -8.96 0.47
CA PHE B 13 -4.70 -9.24 -0.01
C PHE B 13 -3.77 -8.24 0.68
N LEU B 14 -2.54 -8.65 0.94
CA LEU B 14 -1.55 -7.74 1.52
C LEU B 14 -0.22 -7.93 0.83
N PHE B 15 0.35 -6.86 0.30
CA PHE B 15 1.64 -6.93 -0.38
C PHE B 15 2.62 -6.12 0.43
N ALA B 16 3.66 -6.77 0.92
CA ALA B 16 4.67 -6.07 1.70
C ALA B 16 5.93 -6.02 0.84
N TYR B 17 6.10 -4.93 0.08
CA TYR B 17 7.29 -4.81 -0.76
C TYR B 17 8.50 -4.30 0.02
N SER B 18 9.68 -4.60 -0.50
CA SER B 18 10.93 -4.17 0.12
C SER B 18 11.25 -2.72 -0.20
N THR B 19 10.69 -2.23 -1.29
CA THR B 19 10.94 -0.87 -1.72
C THR B 19 9.73 -0.26 -2.43
N VAL B 20 9.74 1.06 -2.57
CA VAL B 20 8.65 1.77 -3.24
C VAL B 20 8.81 1.60 -4.75
N PRO B 21 7.72 1.76 -5.50
CA PRO B 21 7.70 1.64 -6.97
C PRO B 21 8.71 2.52 -7.69
N GLY B 22 9.46 1.90 -8.60
CA GLY B 22 10.45 2.62 -9.38
C GLY B 22 11.84 2.62 -8.78
N TYR B 23 11.94 2.42 -7.47
CA TYR B 23 13.22 2.42 -6.81
C TYR B 23 13.93 1.08 -6.73
N TYR B 24 15.20 1.16 -6.35
CA TYR B 24 16.04 -0.02 -6.19
C TYR B 24 15.77 -0.58 -4.81
N SER B 25 16.24 -1.81 -4.58
CA SER B 25 16.10 -2.49 -3.31
C SER B 25 17.47 -3.03 -2.98
N TRP B 26 18.01 -2.63 -1.84
CA TRP B 26 19.33 -3.06 -1.44
C TRP B 26 19.41 -4.44 -0.77
N ARG B 27 20.57 -5.07 -0.89
CA ARG B 27 20.81 -6.38 -0.34
C ARG B 27 22.30 -6.58 -0.07
N SER B 28 22.64 -6.75 1.21
CA SER B 28 24.02 -6.98 1.61
C SER B 28 24.40 -8.44 1.31
N PRO B 29 25.43 -8.65 0.46
CA PRO B 29 25.87 -10.00 0.10
C PRO B 29 26.25 -10.89 1.29
N GLY B 30 26.51 -10.29 2.44
CA GLY B 30 26.90 -11.09 3.59
C GLY B 30 25.82 -11.26 4.66
N ARG B 31 24.98 -10.25 4.82
CA ARG B 31 23.92 -10.30 5.83
C ARG B 31 22.52 -10.44 5.23
N GLY B 32 22.44 -10.43 3.90
CA GLY B 32 21.15 -10.55 3.23
C GLY B 32 20.53 -9.18 3.03
N SER B 33 19.44 -9.12 2.27
CA SER B 33 18.75 -7.86 2.01
C SER B 33 18.30 -7.14 3.28
N TRP B 34 18.19 -5.81 3.20
CA TRP B 34 17.78 -4.99 4.35
C TRP B 34 16.37 -5.32 4.81
N PHE B 35 15.44 -5.39 3.87
CA PHE B 35 14.05 -5.66 4.18
C PHE B 35 13.90 -6.97 4.95
N VAL B 36 14.43 -8.05 4.42
CA VAL B 36 14.33 -9.34 5.09
C VAL B 36 15.02 -9.37 6.45
N GLN B 37 16.18 -8.72 6.54
CA GLN B 37 16.88 -8.67 7.83
C GLN B 37 15.94 -8.07 8.88
N ALA B 38 15.36 -6.92 8.52
CA ALA B 38 14.45 -6.19 9.39
C ALA B 38 13.14 -6.93 9.68
N LEU B 39 12.53 -7.47 8.63
CA LEU B 39 11.28 -8.19 8.80
C LEU B 39 11.49 -9.33 9.78
N CYS B 40 12.62 -10.02 9.65
CA CYS B 40 12.90 -11.13 10.55
C CYS B 40 13.15 -10.69 11.98
N SER B 41 13.99 -9.68 12.17
CA SER B 41 14.29 -9.22 13.52
C SER B 41 13.04 -8.74 14.26
N ILE B 42 12.06 -8.21 13.52
CA ILE B 42 10.82 -7.74 14.13
C ILE B 42 9.85 -8.91 14.39
N LEU B 43 9.65 -9.76 13.38
CA LEU B 43 8.76 -10.90 13.52
C LEU B 43 9.24 -11.81 14.65
N GLU B 44 10.55 -11.93 14.77
CA GLU B 44 11.15 -12.75 15.79
C GLU B 44 10.91 -12.23 17.20
N GLU B 45 10.56 -10.95 17.33
CA GLU B 45 10.31 -10.39 18.64
C GLU B 45 8.87 -9.99 18.91
N HIS B 46 8.12 -9.74 17.84
CA HIS B 46 6.72 -9.33 18.00
C HIS B 46 5.72 -10.02 17.10
N GLY B 47 6.22 -10.94 16.28
CA GLY B 47 5.36 -11.67 15.35
C GLY B 47 4.10 -12.19 16.00
N LYS B 48 4.18 -12.54 17.28
CA LYS B 48 3.01 -13.07 17.96
C LYS B 48 2.25 -12.12 18.88
N ASP B 49 2.65 -10.85 18.94
CA ASP B 49 1.91 -9.91 19.79
C ASP B 49 1.46 -8.60 19.12
N LEU B 50 1.87 -8.38 17.88
CA LEU B 50 1.48 -7.15 17.17
C LEU B 50 0.70 -7.45 15.89
N GLU B 51 -0.27 -6.57 15.59
CA GLU B 51 -1.07 -6.73 14.38
C GLU B 51 -0.11 -6.56 13.18
N ILE B 52 -0.37 -7.30 12.11
CA ILE B 52 0.48 -7.27 10.91
C ILE B 52 0.95 -5.87 10.48
N MET B 53 0.05 -4.90 10.49
CA MET B 53 0.42 -3.54 10.10
C MET B 53 1.42 -2.89 11.06
N GLN B 54 1.33 -3.23 12.34
CA GLN B 54 2.26 -2.69 13.33
C GLN B 54 3.63 -3.30 13.01
N ILE B 55 3.64 -4.62 12.82
CA ILE B 55 4.85 -5.34 12.49
C ILE B 55 5.53 -4.70 11.28
N LEU B 56 4.79 -4.62 10.16
CA LEU B 56 5.33 -4.03 8.93
C LEU B 56 5.68 -2.54 9.02
N THR B 57 5.05 -1.82 9.94
CA THR B 57 5.38 -0.41 10.11
C THR B 57 6.68 -0.30 10.87
N ARG B 58 6.92 -1.22 11.80
CA ARG B 58 8.16 -1.19 12.57
C ARG B 58 9.29 -1.62 11.66
N VAL B 59 8.97 -2.44 10.66
CA VAL B 59 9.97 -2.90 9.70
C VAL B 59 10.32 -1.73 8.78
N ASN B 60 9.33 -0.91 8.44
CA ASN B 60 9.56 0.26 7.59
C ASN B 60 10.57 1.19 8.25
N ASP B 61 10.37 1.46 9.53
CA ASP B 61 11.25 2.35 10.29
C ASP B 61 12.66 1.76 10.43
N ARG B 62 12.75 0.44 10.60
CA ARG B 62 14.05 -0.21 10.74
C ARG B 62 14.85 -0.22 9.43
N VAL B 63 14.16 -0.30 8.31
CA VAL B 63 14.82 -0.31 7.00
C VAL B 63 15.18 1.12 6.62
N ALA B 64 14.45 2.07 7.21
CA ALA B 64 14.68 3.47 6.91
C ALA B 64 15.75 4.10 7.79
N ARG B 65 15.89 3.62 9.02
CA ARG B 65 16.87 4.22 9.93
C ARG B 65 18.13 3.41 10.20
N HIS B 66 18.00 2.09 10.34
CA HIS B 66 19.15 1.24 10.64
C HIS B 66 19.79 0.61 9.39
N PHE B 67 19.96 1.39 8.34
CA PHE B 67 20.57 0.89 7.10
C PHE B 67 21.05 2.04 6.21
N GLU B 68 22.13 1.80 5.49
CA GLU B 68 22.68 2.78 4.56
C GLU B 68 23.66 2.07 3.65
N SER B 69 23.46 2.19 2.34
CA SER B 69 24.32 1.51 1.38
C SER B 69 25.80 1.87 1.46
N GLN B 70 26.62 0.95 0.94
CA GLN B 70 28.06 1.12 0.89
C GLN B 70 28.50 0.60 -0.47
N SER B 71 29.45 1.31 -1.09
CA SER B 71 29.93 0.92 -2.40
C SER B 71 31.07 1.87 -2.76
N ASP B 72 32.12 1.34 -3.37
CA ASP B 72 33.25 2.18 -3.76
C ASP B 72 32.89 3.09 -4.92
N ASP B 73 31.63 3.04 -5.32
CA ASP B 73 31.11 3.87 -6.39
C ASP B 73 30.42 5.03 -5.70
N PRO B 74 30.85 6.27 -5.98
CA PRO B 74 30.23 7.43 -5.35
C PRO B 74 28.75 7.59 -5.68
N HIS B 75 28.34 7.07 -6.83
CA HIS B 75 26.95 7.16 -7.25
C HIS B 75 26.01 6.24 -6.46
N PHE B 76 26.56 5.20 -5.84
CA PHE B 76 25.75 4.27 -5.06
C PHE B 76 26.12 4.29 -3.58
N HIS B 77 26.88 5.30 -3.18
CA HIS B 77 27.30 5.43 -1.79
C HIS B 77 26.27 6.17 -0.94
N GLU B 78 26.08 5.67 0.28
CA GLU B 78 25.15 6.27 1.24
C GLU B 78 23.70 6.47 0.79
N LYS B 79 23.14 5.47 0.13
CA LYS B 79 21.76 5.54 -0.33
C LYS B 79 20.81 5.01 0.75
N LYS B 80 19.53 5.36 0.65
CA LYS B 80 18.54 4.93 1.63
C LYS B 80 17.42 4.06 1.03
N GLN B 81 16.59 3.49 1.89
CA GLN B 81 15.47 2.66 1.41
C GLN B 81 14.27 2.62 2.36
N ILE B 82 13.07 2.65 1.80
CA ILE B 82 11.85 2.58 2.59
C ILE B 82 10.92 1.55 1.97
N PRO B 83 10.54 0.51 2.74
CA PRO B 83 9.64 -0.53 2.22
C PRO B 83 8.31 0.08 1.83
N CYS B 84 7.42 -0.75 1.29
CA CYS B 84 6.12 -0.29 0.86
C CYS B 84 5.07 -1.35 1.15
N VAL B 85 4.10 -1.02 1.99
CA VAL B 85 3.01 -1.95 2.35
C VAL B 85 1.72 -1.59 1.61
N VAL B 86 1.07 -2.58 1.03
CA VAL B 86 -0.18 -2.35 0.30
C VAL B 86 -1.25 -3.27 0.88
N SER B 87 -2.16 -2.74 1.69
CA SER B 87 -3.20 -3.58 2.27
C SER B 87 -4.58 -3.45 1.71
N MET B 88 -5.16 -4.60 1.35
CA MET B 88 -6.53 -4.67 0.87
C MET B 88 -7.22 -5.55 1.90
N LEU B 89 -6.64 -5.64 3.09
CA LEU B 89 -7.21 -6.44 4.16
C LEU B 89 -8.46 -5.75 4.68
N THR B 90 -9.34 -6.52 5.30
CA THR B 90 -10.58 -5.99 5.83
C THR B 90 -10.71 -6.19 7.32
N LYS B 91 -9.65 -6.73 7.93
CA LYS B 91 -9.62 -6.97 9.37
C LYS B 91 -8.21 -6.81 9.90
N GLU B 92 -8.09 -6.86 11.23
CA GLU B 92 -6.78 -6.79 11.86
C GLU B 92 -6.23 -8.22 11.79
N LEU B 93 -4.92 -8.35 11.60
CA LEU B 93 -4.31 -9.66 11.51
C LEU B 93 -3.28 -9.90 12.60
N TYR B 94 -3.51 -10.95 13.38
CA TYR B 94 -2.60 -11.35 14.45
C TYR B 94 -2.31 -12.82 14.23
N PHE B 95 -1.04 -13.20 14.31
CA PHE B 95 -0.64 -14.60 14.12
C PHE B 95 -0.70 -15.36 15.43
N SER B 96 -1.89 -15.47 16.02
CA SER B 96 -2.02 -16.19 17.27
C SER B 96 -3.49 -16.31 17.71
N GLN B 97 -3.69 -16.91 18.89
CA GLN B 97 -5.02 -17.12 19.46
C GLN B 97 -5.82 -18.11 18.62
N THR C 34 9.53 6.63 20.38
CA THR C 34 8.74 5.38 20.57
C THR C 34 8.24 4.80 19.25
N TYR C 35 6.97 4.44 19.20
CA TYR C 35 6.40 3.84 18.00
C TYR C 35 5.28 4.67 17.38
N GLN C 36 5.04 5.86 17.94
CA GLN C 36 4.00 6.75 17.45
C GLN C 36 4.54 8.09 17.01
N TYR C 37 4.06 8.56 15.86
CA TYR C 37 4.47 9.86 15.34
C TYR C 37 4.20 10.92 16.39
N ASN C 38 5.20 11.73 16.70
CA ASN C 38 5.06 12.79 17.68
C ASN C 38 3.93 13.74 17.25
N MET C 39 2.83 13.73 17.98
CA MET C 39 1.68 14.58 17.66
C MET C 39 1.59 15.82 18.53
N ASN C 40 2.69 16.21 19.16
CA ASN C 40 2.66 17.39 20.02
C ASN C 40 3.18 18.65 19.36
N PHE C 41 2.36 19.21 18.47
CA PHE C 41 2.71 20.44 17.76
C PHE C 41 1.61 21.48 17.99
N GLU C 42 1.90 22.74 17.67
CA GLU C 42 0.93 23.81 17.83
C GLU C 42 -0.37 23.45 17.11
N LYS C 43 -0.25 22.87 15.92
CA LYS C 43 -1.40 22.46 15.12
C LYS C 43 -1.19 21.10 14.46
N LEU C 44 -2.30 20.40 14.19
CA LEU C 44 -2.26 19.08 13.56
C LEU C 44 -1.76 19.20 12.13
N GLY C 45 -2.27 20.18 11.40
CA GLY C 45 -1.81 20.37 10.04
C GLY C 45 -2.83 20.79 9.01
N LYS C 46 -2.31 21.04 7.81
CA LYS C 46 -3.11 21.48 6.68
C LYS C 46 -3.82 20.30 6.00
N CYS C 47 -5.06 20.52 5.58
CA CYS C 47 -5.81 19.50 4.86
C CYS C 47 -6.32 20.12 3.56
N ILE C 48 -5.63 19.81 2.47
CA ILE C 48 -5.99 20.35 1.16
C ILE C 48 -6.94 19.43 0.36
N ILE C 49 -8.14 19.92 0.11
CA ILE C 49 -9.13 19.16 -0.64
C ILE C 49 -9.27 19.74 -2.04
N ILE C 50 -9.12 18.87 -3.05
CA ILE C 50 -9.26 19.27 -4.44
C ILE C 50 -10.49 18.59 -4.98
N ASN C 51 -11.58 19.34 -5.00
CA ASN C 51 -12.86 18.86 -5.47
C ASN C 51 -13.08 19.14 -6.97
N ASN C 52 -12.73 18.16 -7.81
CA ASN C 52 -12.91 18.28 -9.25
C ASN C 52 -14.23 17.64 -9.70
N LYS C 53 -15.18 18.48 -10.08
CA LYS C 53 -16.50 18.03 -10.50
C LYS C 53 -16.82 18.26 -11.97
N ASN C 54 -16.24 19.31 -12.53
CA ASN C 54 -16.46 19.65 -13.94
C ASN C 54 -15.20 19.56 -14.77
N PHE C 55 -15.32 19.00 -15.97
CA PHE C 55 -14.16 18.86 -16.83
C PHE C 55 -14.42 19.33 -18.26
N ASP C 56 -13.43 19.98 -18.85
CA ASP C 56 -13.56 20.47 -20.22
C ASP C 56 -14.09 19.35 -21.12
N LYS C 57 -15.03 19.68 -22.00
CA LYS C 57 -15.61 18.69 -22.89
C LYS C 57 -14.51 17.85 -23.54
N VAL C 58 -13.39 18.48 -23.86
CA VAL C 58 -12.28 17.79 -24.52
C VAL C 58 -11.77 16.54 -23.81
N THR C 59 -11.77 16.55 -22.47
CA THR C 59 -11.26 15.40 -21.73
C THR C 59 -12.16 14.18 -21.86
N GLY C 60 -13.38 14.40 -22.32
CA GLY C 60 -14.31 13.29 -22.45
C GLY C 60 -14.85 12.82 -21.11
N MET C 61 -14.48 13.50 -20.04
CA MET C 61 -14.94 13.14 -18.69
C MET C 61 -16.26 13.83 -18.35
N GLY C 62 -17.13 13.12 -17.62
CA GLY C 62 -18.42 13.69 -17.27
C GLY C 62 -18.46 14.38 -15.93
N VAL C 63 -19.59 15.00 -15.61
CA VAL C 63 -19.74 15.71 -14.33
C VAL C 63 -19.80 14.69 -13.20
N ARG C 64 -18.95 14.90 -12.20
CA ARG C 64 -18.89 14.01 -11.06
C ARG C 64 -19.92 14.38 -10.00
N ASN C 65 -21.18 14.06 -10.29
CA ASN C 65 -22.26 14.36 -9.35
C ASN C 65 -22.05 13.60 -8.04
N GLY C 66 -22.25 14.29 -6.93
CA GLY C 66 -22.07 13.67 -5.62
C GLY C 66 -20.74 14.09 -5.00
N THR C 67 -19.89 14.70 -5.80
CA THR C 67 -18.58 15.12 -5.32
C THR C 67 -18.68 16.26 -4.30
N ASP C 68 -19.68 17.12 -4.45
CA ASP C 68 -19.86 18.22 -3.52
C ASP C 68 -20.15 17.65 -2.13
N LYS C 69 -20.98 16.61 -2.08
CA LYS C 69 -21.30 15.96 -0.79
C LYS C 69 -20.03 15.38 -0.18
N ASP C 70 -19.24 14.66 -0.97
CA ASP C 70 -18.01 14.10 -0.44
C ASP C 70 -17.15 15.22 0.12
N ALA C 71 -16.96 16.26 -0.67
CA ALA C 71 -16.14 17.40 -0.27
C ALA C 71 -16.65 18.04 1.03
N GLU C 72 -17.96 18.10 1.16
CA GLU C 72 -18.57 18.69 2.34
C GLU C 72 -18.34 17.82 3.58
N ALA C 73 -18.56 16.52 3.41
CA ALA C 73 -18.39 15.56 4.50
C ALA C 73 -16.93 15.45 4.91
N LEU C 74 -16.03 15.56 3.93
CA LEU C 74 -14.60 15.47 4.19
C LEU C 74 -14.15 16.71 4.92
N PHE C 75 -14.59 17.86 4.44
CA PHE C 75 -14.22 19.12 5.06
C PHE C 75 -14.63 19.13 6.53
N LYS C 76 -15.88 18.76 6.80
CA LYS C 76 -16.37 18.73 8.17
C LYS C 76 -15.53 17.73 8.95
N CYS C 77 -15.46 16.50 8.47
CA CYS C 77 -14.67 15.48 9.13
C CYS C 77 -13.28 15.97 9.51
N PHE C 78 -12.47 16.35 8.52
CA PHE C 78 -11.12 16.80 8.80
C PHE C 78 -11.03 18.07 9.64
N ARG C 79 -12.01 18.96 9.55
CA ARG C 79 -11.96 20.14 10.38
C ARG C 79 -12.10 19.61 11.80
N SER C 80 -13.00 18.64 11.95
CA SER C 80 -13.29 18.01 13.23
C SER C 80 -12.03 17.42 13.88
N LEU C 81 -11.19 16.76 13.08
CA LEU C 81 -9.95 16.19 13.60
C LEU C 81 -9.01 17.29 14.10
N GLY C 82 -9.15 18.49 13.57
CA GLY C 82 -8.27 19.56 14.01
C GLY C 82 -7.34 20.03 12.90
N PHE C 83 -7.64 19.61 11.68
CA PHE C 83 -6.88 19.98 10.48
C PHE C 83 -7.38 21.32 9.94
N ASP C 84 -6.47 22.13 9.39
CA ASP C 84 -6.90 23.39 8.78
C ASP C 84 -7.32 23.05 7.35
N VAL C 85 -8.62 22.94 7.15
CA VAL C 85 -9.16 22.56 5.85
C VAL C 85 -9.22 23.66 4.80
N ILE C 86 -8.86 23.31 3.57
CA ILE C 86 -8.92 24.23 2.44
C ILE C 86 -9.49 23.47 1.24
N VAL C 87 -10.55 24.00 0.64
CA VAL C 87 -11.15 23.33 -0.50
C VAL C 87 -11.04 24.14 -1.79
N TYR C 88 -10.50 23.51 -2.83
CA TYR C 88 -10.37 24.15 -4.13
C TYR C 88 -11.31 23.39 -5.02
N ASN C 89 -11.85 24.04 -6.04
CA ASN C 89 -12.80 23.36 -6.92
C ASN C 89 -12.49 23.50 -8.42
N ASP C 90 -12.98 22.54 -9.20
CA ASP C 90 -12.74 22.49 -10.64
C ASP C 90 -11.35 22.99 -10.98
N CYS C 91 -10.36 22.30 -10.45
CA CYS C 91 -8.97 22.68 -10.69
C CYS C 91 -8.37 22.24 -12.01
N SER C 92 -7.62 23.15 -12.63
CA SER C 92 -6.93 22.84 -13.88
C SER C 92 -5.73 22.00 -13.48
N CYS C 93 -5.16 21.25 -14.42
CA CYS C 93 -4.01 20.44 -14.07
C CYS C 93 -2.91 21.28 -13.44
N ALA C 94 -2.50 22.34 -14.13
CA ALA C 94 -1.44 23.21 -13.62
C ALA C 94 -1.77 23.76 -12.24
N LYS C 95 -3.04 24.07 -12.01
CA LYS C 95 -3.46 24.61 -10.72
C LYS C 95 -3.20 23.59 -9.63
N MET C 96 -3.48 22.32 -9.91
CA MET C 96 -3.25 21.28 -8.91
C MET C 96 -1.74 21.17 -8.61
N GLN C 97 -0.93 21.17 -9.67
CA GLN C 97 0.51 21.09 -9.51
C GLN C 97 1.03 22.26 -8.71
N ASP C 98 0.55 23.45 -9.05
CA ASP C 98 0.99 24.68 -8.40
C ASP C 98 0.58 24.76 -6.95
N LEU C 99 -0.72 24.52 -6.74
CA LEU C 99 -1.35 24.54 -5.44
C LEU C 99 -0.59 23.68 -4.43
N LEU C 100 -0.21 22.47 -4.84
CA LEU C 100 0.51 21.56 -3.95
C LEU C 100 1.96 21.95 -3.75
N LYS C 101 2.60 22.45 -4.81
CA LYS C 101 3.99 22.86 -4.73
C LYS C 101 4.14 23.96 -3.68
N LYS C 102 3.31 24.99 -3.77
CA LYS C 102 3.37 26.07 -2.82
C LYS C 102 3.13 25.60 -1.39
N ALA C 103 2.24 24.61 -1.23
CA ALA C 103 1.95 24.08 0.09
C ALA C 103 3.20 23.41 0.66
N SER C 104 3.95 22.72 -0.20
CA SER C 104 5.17 22.06 0.24
C SER C 104 6.26 23.08 0.58
N GLU C 105 6.10 24.32 0.11
CA GLU C 105 7.06 25.36 0.38
C GLU C 105 6.69 26.18 1.62
N GLU C 106 5.45 26.08 2.05
CA GLU C 106 5.00 26.80 3.24
C GLU C 106 5.78 26.22 4.41
N ASP C 107 5.77 26.92 5.55
CA ASP C 107 6.50 26.43 6.72
C ASP C 107 5.63 25.47 7.49
N HIS C 108 6.07 24.22 7.62
CA HIS C 108 5.29 23.22 8.34
C HIS C 108 5.78 22.92 9.75
N THR C 109 6.86 23.59 10.15
CA THR C 109 7.46 23.39 11.46
C THR C 109 6.47 23.20 12.59
N ASN C 110 5.40 23.97 12.59
CA ASN C 110 4.41 23.87 13.66
C ASN C 110 3.28 22.87 13.49
N ALA C 111 3.42 21.96 12.53
CA ALA C 111 2.37 20.98 12.28
C ALA C 111 2.85 19.56 12.49
N ALA C 112 1.95 18.71 12.96
CA ALA C 112 2.27 17.31 13.20
C ALA C 112 2.29 16.49 11.90
N CYS C 113 1.47 16.89 10.94
CA CYS C 113 1.40 16.16 9.68
C CYS C 113 0.79 16.99 8.56
N PHE C 114 0.62 16.35 7.41
CA PHE C 114 0.02 16.99 6.25
C PHE C 114 -0.96 16.04 5.58
N ALA C 115 -2.09 16.57 5.13
CA ALA C 115 -3.08 15.74 4.47
C ALA C 115 -3.61 16.42 3.22
N CYS C 116 -3.86 15.62 2.19
CA CYS C 116 -4.41 16.10 0.94
C CYS C 116 -5.41 15.09 0.47
N ILE C 117 -6.53 15.54 -0.05
CA ILE C 117 -7.55 14.62 -0.55
C ILE C 117 -7.86 15.01 -1.98
N LEU C 118 -7.79 14.04 -2.89
CA LEU C 118 -8.06 14.31 -4.29
C LEU C 118 -9.36 13.65 -4.70
N LEU C 119 -10.32 14.46 -5.14
CA LEU C 119 -11.61 13.96 -5.56
C LEU C 119 -11.78 14.31 -7.03
N SER C 120 -11.64 13.31 -7.90
CA SER C 120 -11.75 13.60 -9.32
C SER C 120 -11.77 12.32 -10.13
N HIS C 121 -11.55 12.49 -11.43
CA HIS C 121 -11.48 11.37 -12.34
C HIS C 121 -10.02 10.93 -12.31
N GLY C 122 -9.77 9.74 -12.84
CA GLY C 122 -8.41 9.25 -12.87
C GLY C 122 -8.32 7.93 -13.60
N GLU C 123 -7.09 7.58 -13.96
CA GLU C 123 -6.80 6.34 -14.63
C GLU C 123 -5.54 5.88 -13.91
N GLU C 124 -5.04 4.69 -14.19
CA GLU C 124 -3.87 4.23 -13.44
C GLU C 124 -2.77 5.28 -13.36
N ASN C 125 -2.39 5.62 -12.12
CA ASN C 125 -1.33 6.58 -11.81
C ASN C 125 -1.62 8.02 -12.17
N VAL C 126 -2.86 8.30 -12.52
CA VAL C 126 -3.22 9.62 -12.96
C VAL C 126 -4.52 10.15 -12.38
N ILE C 127 -4.62 11.48 -12.24
CA ILE C 127 -5.84 12.13 -11.77
C ILE C 127 -6.14 13.26 -12.75
N TYR C 128 -7.41 13.44 -13.06
CA TYR C 128 -7.82 14.48 -13.97
C TYR C 128 -8.01 15.86 -13.35
N GLY C 129 -7.59 16.87 -14.10
CA GLY C 129 -7.81 18.25 -13.70
C GLY C 129 -8.82 18.60 -14.78
N LYS C 130 -9.45 19.77 -14.74
CA LYS C 130 -10.41 20.06 -15.81
C LYS C 130 -9.63 20.03 -17.12
N ASP C 131 -8.39 20.52 -17.03
CA ASP C 131 -7.43 20.60 -18.12
C ASP C 131 -7.24 19.26 -18.84
N GLY C 132 -6.88 18.25 -18.06
CA GLY C 132 -6.64 16.93 -18.62
C GLY C 132 -6.10 15.95 -17.58
N VAL C 133 -4.99 15.29 -17.89
CA VAL C 133 -4.38 14.30 -17.00
C VAL C 133 -2.97 14.61 -16.46
N THR C 134 -2.75 14.29 -15.19
CA THR C 134 -1.44 14.52 -14.56
C THR C 134 -1.10 13.36 -13.62
N PRO C 135 0.19 12.97 -13.55
CA PRO C 135 0.70 11.88 -12.71
C PRO C 135 0.52 12.13 -11.22
N ILE C 136 0.02 11.13 -10.48
CA ILE C 136 -0.16 11.29 -9.04
C ILE C 136 1.21 11.47 -8.38
N LYS C 137 2.21 10.78 -8.90
CA LYS C 137 3.56 10.86 -8.35
C LYS C 137 4.14 12.26 -8.38
N ASP C 138 3.89 13.00 -9.46
CA ASP C 138 4.42 14.35 -9.56
C ASP C 138 3.70 15.26 -8.57
N LEU C 139 2.45 14.95 -8.30
CA LEU C 139 1.66 15.74 -7.37
C LEU C 139 2.21 15.57 -5.96
N THR C 140 2.44 14.33 -5.56
CA THR C 140 2.91 14.04 -4.23
C THR C 140 4.40 14.30 -4.00
N ALA C 141 5.21 14.08 -5.03
CA ALA C 141 6.67 14.28 -4.93
C ALA C 141 7.05 15.62 -4.29
N HIS C 142 6.18 16.63 -4.42
CA HIS C 142 6.46 17.93 -3.85
C HIS C 142 6.77 17.84 -2.36
N PHE C 143 6.29 16.78 -1.70
CA PHE C 143 6.50 16.62 -0.27
C PHE C 143 7.49 15.53 0.14
N ARG C 144 8.40 15.17 -0.74
CA ARG C 144 9.38 14.16 -0.40
C ARG C 144 10.30 14.74 0.67
N GLY C 145 10.97 13.88 1.40
CA GLY C 145 11.86 14.36 2.44
C GLY C 145 12.75 15.51 2.04
N ASP C 146 13.49 15.36 0.95
CA ASP C 146 14.43 16.39 0.49
C ASP C 146 13.81 17.64 -0.15
N ARG C 147 12.50 17.61 -0.41
CA ARG C 147 11.86 18.76 -1.04
C ARG C 147 10.93 19.56 -0.14
N CYS C 148 10.56 18.99 1.00
CA CYS C 148 9.68 19.68 1.96
C CYS C 148 10.17 19.37 3.38
N LYS C 149 11.42 19.72 3.64
CA LYS C 149 12.06 19.49 4.91
C LYS C 149 11.24 19.77 6.17
N THR C 150 10.32 20.73 6.12
CA THR C 150 9.54 21.02 7.31
C THR C 150 8.49 19.95 7.63
N LEU C 151 8.40 18.95 6.77
CA LEU C 151 7.46 17.84 6.98
C LEU C 151 8.27 16.56 7.09
N LEU C 152 9.58 16.72 7.13
CA LEU C 152 10.49 15.59 7.25
C LEU C 152 10.16 14.87 8.56
N GLU C 153 10.18 13.54 8.52
CA GLU C 153 9.87 12.70 9.67
C GLU C 153 8.41 12.86 10.12
N LYS C 154 7.64 13.59 9.33
CA LYS C 154 6.23 13.80 9.63
C LYS C 154 5.35 13.06 8.61
N PRO C 155 4.22 12.51 9.06
CA PRO C 155 3.34 11.79 8.14
C PRO C 155 2.66 12.68 7.10
N LYS C 156 2.73 12.23 5.85
CA LYS C 156 2.15 12.93 4.70
C LYS C 156 1.09 12.04 4.07
N LEU C 157 -0.17 12.31 4.40
CA LEU C 157 -1.28 11.50 3.89
C LEU C 157 -2.00 12.03 2.65
N PHE C 158 -2.40 11.10 1.80
CA PHE C 158 -3.12 11.45 0.60
C PHE C 158 -4.32 10.53 0.40
N PHE C 159 -5.53 11.07 0.53
CA PHE C 159 -6.71 10.24 0.33
C PHE C 159 -7.16 10.51 -1.11
N ILE C 160 -7.35 9.44 -1.88
CA ILE C 160 -7.69 9.61 -3.27
C ILE C 160 -8.93 8.92 -3.81
N GLN C 161 -9.95 9.71 -4.09
CA GLN C 161 -11.20 9.20 -4.66
C GLN C 161 -11.14 9.47 -6.15
N ALA C 162 -10.83 8.44 -6.93
CA ALA C 162 -10.72 8.54 -8.38
C ALA C 162 -10.52 7.14 -8.95
N CYS C 163 -10.76 6.96 -10.25
CA CYS C 163 -10.58 5.66 -10.85
C CYS C 163 -9.10 5.44 -11.12
N ARG C 164 -8.72 4.19 -11.36
CA ARG C 164 -7.34 3.84 -11.61
C ARG C 164 -7.33 2.86 -12.76
N GLY C 165 -8.38 2.89 -13.57
CA GLY C 165 -8.49 2.00 -14.69
C GLY C 165 -9.94 1.71 -15.02
N THR C 166 -10.17 0.67 -15.80
CA THR C 166 -11.52 0.31 -16.23
C THR C 166 -12.04 -1.06 -15.81
N GLU C 167 -11.29 -1.78 -14.97
CA GLU C 167 -11.74 -3.08 -14.52
C GLU C 167 -12.89 -2.93 -13.52
N LEU C 168 -13.70 -3.98 -13.39
CA LEU C 168 -14.83 -4.00 -12.47
C LEU C 168 -14.69 -5.23 -11.61
N ASP C 169 -15.20 -5.18 -10.38
CA ASP C 169 -15.11 -6.33 -9.50
C ASP C 169 -16.52 -6.89 -9.41
N ASP C 170 -16.70 -8.10 -9.92
CA ASP C 170 -18.01 -8.75 -9.90
C ASP C 170 -18.30 -9.31 -8.52
N GLY C 171 -17.26 -9.37 -7.68
CA GLY C 171 -17.45 -9.89 -6.35
C GLY C 171 -17.62 -11.39 -6.40
N ILE C 172 -17.85 -12.01 -5.25
CA ILE C 172 -18.01 -13.44 -5.18
C ILE C 172 -18.91 -13.81 -4.01
N GLN C 173 -19.43 -15.04 -4.04
CA GLN C 173 -20.33 -15.57 -3.02
C GLN C 173 -21.75 -15.07 -3.26
N TYR D 5 22.37 8.01 9.51
CA TYR D 5 21.86 9.28 10.12
C TYR D 5 21.00 10.11 9.16
N LYS D 6 20.43 9.45 8.14
CA LYS D 6 19.57 10.11 7.18
C LYS D 6 18.23 9.39 7.12
N ILE D 7 17.27 10.00 6.40
CA ILE D 7 15.93 9.45 6.22
C ILE D 7 15.63 9.36 4.71
N PRO D 8 14.87 8.34 4.30
CA PRO D 8 14.53 8.19 2.88
C PRO D 8 13.62 9.32 2.41
N VAL D 9 13.91 9.90 1.25
CA VAL D 9 13.07 11.00 0.76
C VAL D 9 11.64 10.55 0.52
N GLU D 10 11.44 9.25 0.35
CA GLU D 10 10.12 8.69 0.10
C GLU D 10 9.36 8.21 1.33
N ALA D 11 10.05 8.15 2.47
CA ALA D 11 9.44 7.68 3.72
C ALA D 11 8.34 8.61 4.28
N ASP D 12 7.49 8.05 5.14
CA ASP D 12 6.41 8.77 5.80
C ASP D 12 5.24 9.23 4.94
N PHE D 13 5.01 8.54 3.82
CA PHE D 13 3.88 8.84 2.95
C PHE D 13 2.87 7.72 3.15
N LEU D 14 1.59 8.05 2.97
CA LEU D 14 0.52 7.06 3.06
C LEU D 14 -0.50 7.43 2.02
N PHE D 15 -0.82 6.48 1.15
CA PHE D 15 -1.82 6.75 0.13
C PHE D 15 -3.01 5.86 0.37
N ALA D 16 -4.15 6.48 0.67
CA ALA D 16 -5.38 5.75 0.89
C ALA D 16 -6.18 5.86 -0.38
N TYR D 17 -6.07 4.87 -1.26
CA TYR D 17 -6.80 4.88 -2.53
C TYR D 17 -8.20 4.29 -2.38
N SER D 18 -9.16 4.90 -3.09
CA SER D 18 -10.54 4.44 -3.05
C SER D 18 -10.69 3.06 -3.68
N THR D 19 -9.76 2.71 -4.56
CA THR D 19 -9.84 1.41 -5.20
C THR D 19 -8.45 0.89 -5.59
N VAL D 20 -8.37 -0.39 -5.93
CA VAL D 20 -7.11 -0.99 -6.30
C VAL D 20 -6.70 -0.65 -7.73
N PRO D 21 -5.42 -0.82 -8.05
CA PRO D 21 -4.89 -0.52 -9.38
C PRO D 21 -5.64 -1.22 -10.51
N GLY D 22 -5.88 -0.47 -11.58
CA GLY D 22 -6.56 -1.02 -12.75
C GLY D 22 -8.07 -1.08 -12.70
N TYR D 23 -8.66 -0.79 -11.56
CA TYR D 23 -10.12 -0.85 -11.43
C TYR D 23 -10.80 0.52 -11.38
N TYR D 24 -12.11 0.50 -11.64
CA TYR D 24 -12.93 1.69 -11.58
C TYR D 24 -13.23 1.98 -10.10
N SER D 25 -13.66 3.20 -9.82
CA SER D 25 -14.03 3.58 -8.47
C SER D 25 -15.50 4.00 -8.56
N TRP D 26 -16.33 3.52 -7.64
CA TRP D 26 -17.76 3.84 -7.67
C TRP D 26 -18.11 5.08 -6.86
N ARG D 27 -19.10 5.81 -7.39
CA ARG D 27 -19.58 7.04 -6.76
C ARG D 27 -21.09 7.17 -6.98
N SER D 28 -21.81 7.52 -5.93
CA SER D 28 -23.26 7.68 -6.03
C SER D 28 -23.62 9.15 -6.22
N PRO D 29 -24.19 9.50 -7.39
CA PRO D 29 -24.58 10.89 -7.68
C PRO D 29 -25.34 11.51 -6.51
N GLY D 30 -26.09 10.66 -5.81
CA GLY D 30 -26.88 11.11 -4.69
C GLY D 30 -26.19 11.06 -3.34
N ARG D 31 -25.47 9.99 -3.05
CA ARG D 31 -24.81 9.86 -1.76
C ARG D 31 -23.31 10.16 -1.75
N GLY D 32 -22.69 10.22 -2.93
CA GLY D 32 -21.27 10.49 -2.99
C GLY D 32 -20.51 9.19 -3.19
N SER D 33 -19.22 9.28 -3.48
CA SER D 33 -18.41 8.08 -3.69
C SER D 33 -18.44 7.18 -2.45
N TRP D 34 -18.40 5.87 -2.68
CA TRP D 34 -18.44 4.90 -1.58
C TRP D 34 -17.31 5.09 -0.59
N PHE D 35 -16.09 5.13 -1.11
CA PHE D 35 -14.90 5.28 -0.28
C PHE D 35 -15.02 6.46 0.68
N VAL D 36 -15.38 7.63 0.17
CA VAL D 36 -15.52 8.83 0.98
C VAL D 36 -16.62 8.66 2.00
N GLN D 37 -17.74 8.07 1.56
CA GLN D 37 -18.86 7.83 2.47
C GLN D 37 -18.30 7.04 3.63
N ALA D 38 -17.71 5.89 3.28
CA ALA D 38 -17.12 4.99 4.26
C ALA D 38 -16.14 5.71 5.18
N LEU D 39 -15.13 6.33 4.59
CA LEU D 39 -14.12 7.05 5.34
C LEU D 39 -14.68 7.99 6.39
N CYS D 40 -15.52 8.93 5.94
CA CYS D 40 -16.13 9.88 6.88
C CYS D 40 -16.87 9.17 8.00
N SER D 41 -17.73 8.23 7.65
CA SER D 41 -18.48 7.45 8.61
C SER D 41 -17.54 6.94 9.69
N ILE D 42 -16.54 6.16 9.30
CA ILE D 42 -15.60 5.60 10.25
C ILE D 42 -14.88 6.71 11.02
N LEU D 43 -14.31 7.68 10.30
CA LEU D 43 -13.61 8.77 10.96
C LEU D 43 -14.45 9.46 12.02
N GLU D 44 -15.74 9.61 11.77
CA GLU D 44 -16.64 10.25 12.73
C GLU D 44 -16.71 9.46 14.04
N GLU D 45 -16.73 8.13 13.95
CA GLU D 45 -16.80 7.28 15.13
C GLU D 45 -15.46 7.02 15.80
N HIS D 46 -14.41 6.82 15.01
CA HIS D 46 -13.10 6.49 15.57
C HIS D 46 -11.91 7.35 15.21
N GLY D 47 -12.11 8.40 14.43
CA GLY D 47 -11.00 9.25 14.05
C GLY D 47 -10.05 9.66 15.18
N LYS D 48 -10.56 9.78 16.39
CA LYS D 48 -9.72 10.21 17.49
C LYS D 48 -9.33 9.14 18.52
N ASP D 49 -9.49 7.87 18.18
CA ASP D 49 -9.11 6.82 19.11
C ASP D 49 -8.54 5.56 18.45
N LEU D 50 -8.47 5.54 17.12
CA LEU D 50 -7.92 4.38 16.42
C LEU D 50 -6.73 4.80 15.58
N GLU D 51 -5.80 3.89 15.38
CA GLU D 51 -4.61 4.20 14.58
C GLU D 51 -5.04 4.27 13.12
N ILE D 52 -4.34 5.08 12.32
CA ILE D 52 -4.69 5.24 10.92
C ILE D 52 -4.92 3.93 10.16
N MET D 53 -4.05 2.95 10.37
CA MET D 53 -4.24 1.70 9.67
C MET D 53 -5.51 0.97 10.09
N GLN D 54 -5.87 1.09 11.37
CA GLN D 54 -7.10 0.47 11.89
C GLN D 54 -8.29 1.17 11.23
N ILE D 55 -8.22 2.50 11.18
CA ILE D 55 -9.28 3.27 10.58
C ILE D 55 -9.46 2.84 9.12
N LEU D 56 -8.40 2.98 8.32
CA LEU D 56 -8.49 2.62 6.92
C LEU D 56 -8.85 1.16 6.67
N THR D 57 -8.40 0.26 7.55
CA THR D 57 -8.73 -1.15 7.39
C THR D 57 -10.23 -1.32 7.53
N ARG D 58 -10.81 -0.64 8.51
CA ARG D 58 -12.25 -0.70 8.72
C ARG D 58 -12.98 -0.05 7.54
N VAL D 59 -12.32 0.90 6.88
CA VAL D 59 -12.94 1.56 5.74
C VAL D 59 -12.96 0.57 4.58
N ASN D 60 -11.90 -0.21 4.45
CA ASN D 60 -11.85 -1.20 3.38
C ASN D 60 -13.02 -2.16 3.54
N ASP D 61 -13.11 -2.77 4.71
CA ASP D 61 -14.16 -3.73 5.01
C ASP D 61 -15.56 -3.12 4.79
N ARG D 62 -15.74 -1.87 5.19
CA ARG D 62 -17.01 -1.18 5.02
C ARG D 62 -17.36 -1.00 3.54
N VAL D 63 -16.41 -0.48 2.77
CA VAL D 63 -16.64 -0.30 1.35
C VAL D 63 -17.01 -1.65 0.74
N ALA D 64 -16.22 -2.67 1.06
CA ALA D 64 -16.39 -4.03 0.55
C ALA D 64 -17.68 -4.74 0.92
N ARG D 65 -18.11 -4.58 2.17
CA ARG D 65 -19.33 -5.23 2.62
C ARG D 65 -20.62 -4.42 2.56
N HIS D 66 -20.52 -3.09 2.53
CA HIS D 66 -21.73 -2.27 2.51
C HIS D 66 -22.16 -1.71 1.15
N PHE D 67 -21.40 -1.97 0.10
CA PHE D 67 -21.76 -1.41 -1.20
C PHE D 67 -21.83 -2.38 -2.36
N GLU D 68 -22.78 -2.11 -3.25
CA GLU D 68 -22.97 -2.90 -4.46
C GLU D 68 -23.63 -1.96 -5.45
N SER D 69 -22.99 -1.78 -6.60
CA SER D 69 -23.51 -0.87 -7.59
C SER D 69 -24.84 -1.27 -8.19
N GLN D 70 -25.67 -0.27 -8.44
CA GLN D 70 -26.98 -0.44 -9.06
C GLN D 70 -26.88 0.29 -10.40
N SER D 71 -27.32 -0.37 -11.46
CA SER D 71 -27.28 0.25 -12.79
C SER D 71 -28.20 -0.48 -13.73
N ASP D 72 -28.91 0.28 -14.57
CA ASP D 72 -29.84 -0.28 -15.55
C ASP D 72 -29.04 -1.24 -16.42
N ASP D 73 -27.85 -0.79 -16.81
CA ASP D 73 -26.95 -1.58 -17.63
C ASP D 73 -26.46 -2.76 -16.80
N PRO D 74 -26.82 -3.98 -17.19
CA PRO D 74 -26.40 -5.20 -16.47
C PRO D 74 -24.90 -5.48 -16.45
N HIS D 75 -24.15 -4.76 -17.27
CA HIS D 75 -22.70 -4.92 -17.33
C HIS D 75 -22.06 -4.24 -16.12
N PHE D 76 -22.75 -3.22 -15.62
CA PHE D 76 -22.30 -2.44 -14.46
C PHE D 76 -23.28 -2.66 -13.31
N HIS D 77 -23.80 -3.88 -13.20
CA HIS D 77 -24.78 -4.22 -12.18
C HIS D 77 -24.25 -5.17 -11.11
N GLU D 78 -24.53 -4.87 -9.85
CA GLU D 78 -24.11 -5.70 -8.72
C GLU D 78 -22.60 -5.93 -8.61
N LYS D 79 -21.82 -4.92 -8.97
CA LYS D 79 -20.37 -4.98 -8.93
C LYS D 79 -19.86 -4.50 -7.57
N LYS D 80 -18.68 -4.95 -7.17
CA LYS D 80 -18.12 -4.57 -5.86
C LYS D 80 -16.85 -3.72 -5.96
N GLN D 81 -16.39 -3.26 -4.80
CA GLN D 81 -15.20 -2.41 -4.69
C GLN D 81 -14.40 -2.66 -3.41
N ILE D 82 -13.09 -2.48 -3.51
CA ILE D 82 -12.20 -2.65 -2.37
C ILE D 82 -11.13 -1.56 -2.44
N PRO D 83 -11.00 -0.74 -1.38
CA PRO D 83 -9.99 0.31 -1.39
C PRO D 83 -8.59 -0.30 -1.38
N CYS D 84 -7.58 0.55 -1.35
CA CYS D 84 -6.19 0.10 -1.38
C CYS D 84 -5.32 1.07 -0.59
N VAL D 85 -4.71 0.58 0.49
CA VAL D 85 -3.86 1.42 1.34
C VAL D 85 -2.38 1.19 1.12
N VAL D 86 -1.64 2.26 0.82
CA VAL D 86 -0.20 2.13 0.62
C VAL D 86 0.51 2.85 1.75
N SER D 87 1.25 2.10 2.56
CA SER D 87 1.92 2.74 3.67
C SER D 87 3.43 2.76 3.57
N MET D 88 4.00 3.94 3.78
CA MET D 88 5.43 4.12 3.79
C MET D 88 5.68 4.74 5.17
N LEU D 89 4.64 4.74 5.99
CA LEU D 89 4.76 5.31 7.32
C LEU D 89 5.76 4.52 8.11
N THR D 90 6.45 5.20 9.04
CA THR D 90 7.47 4.56 9.86
C THR D 90 7.09 4.59 11.35
N LYS D 91 5.81 4.89 11.62
CA LYS D 91 5.29 4.95 12.98
C LYS D 91 3.78 4.80 12.95
N GLU D 92 3.20 4.68 14.14
CA GLU D 92 1.76 4.58 14.27
C GLU D 92 1.21 6.01 14.28
N LEU D 93 0.16 6.26 13.51
CA LEU D 93 -0.42 7.59 13.47
C LEU D 93 -1.76 7.67 14.18
N TYR D 94 -1.82 8.60 15.13
CA TYR D 94 -3.02 8.84 15.93
C TYR D 94 -3.31 10.33 15.80
N PHE D 95 -4.56 10.70 15.57
CA PHE D 95 -4.91 12.11 15.45
C PHE D 95 -5.24 12.79 16.77
N SER D 96 -4.75 12.25 17.89
CA SER D 96 -5.04 12.83 19.21
C SER D 96 -3.80 13.07 20.09
N GLN D 97 -4.07 13.35 21.37
CA GLN D 97 -3.07 13.64 22.41
C GLN D 97 -1.61 13.48 22.03
C ACE E 1 28.31 -4.18 -0.82
O ACE E 1 29.09 -4.09 0.09
CH3 ACE E 1 28.63 -5.13 -1.95
N ASP E 2 27.25 -3.28 -0.95
CA ASP E 2 25.87 -3.74 -1.12
C ASP E 2 25.52 -3.93 -2.59
N ASN E 3 24.52 -4.78 -2.85
CA ASN E 3 24.06 -5.07 -4.21
C ASN E 3 22.66 -4.54 -4.42
N LEU E 4 22.21 -4.57 -5.67
CA LEU E 4 20.86 -4.10 -6.01
C LEU E 4 19.99 -5.25 -6.52
C ASJ E 5 16.66 -5.77 -7.44
N ASJ E 5 18.71 -5.24 -6.12
O ASJ E 5 16.79 -6.35 -8.75
CA ASJ E 5 17.75 -6.27 -6.50
CB ASJ E 5 17.05 -6.83 -5.26
CG ASJ E 5 17.73 -8.07 -4.72
OD1 ASJ E 5 17.65 -8.31 -3.50
OD2 ASJ E 5 18.35 -8.80 -5.53
C ACE F 1 -26.43 5.15 -10.42
O ACE F 1 -26.82 4.61 -11.50
CH3 ACE F 1 -27.14 6.39 -9.88
N ASP F 2 -25.52 4.42 -9.67
CA ASP F 2 -24.11 4.86 -9.46
C ASP F 2 -23.26 5.19 -10.69
N ASN F 3 -22.28 6.07 -10.53
CA ASN F 3 -21.42 6.45 -11.67
C ASN F 3 -20.01 5.89 -11.49
N LEU F 4 -19.15 6.17 -12.45
CA LEU F 4 -17.76 5.73 -12.41
C LEU F 4 -16.76 6.90 -12.31
C ASJ F 5 -13.25 7.46 -11.78
N ASJ F 5 -15.69 6.75 -11.53
O ASJ F 5 -12.94 8.28 -12.93
CA ASJ F 5 -14.69 7.81 -11.32
CB ASJ F 5 -14.69 8.15 -9.81
CG ASJ F 5 -15.36 9.43 -9.52
OD1 ASJ F 5 -15.28 9.87 -8.35
OD2 ASJ F 5 -15.95 10.01 -10.46
N GLN G 1 -7.88 -8.01 20.17
CA GLN G 1 -6.60 -7.78 20.90
C GLN G 1 -6.57 -6.36 21.46
N GLY G 2 -5.49 -6.07 22.19
CA GLY G 2 -5.32 -4.77 22.80
C GLY G 2 -4.29 -3.93 22.07
N HIS G 3 -4.72 -2.73 21.70
CA HIS G 3 -3.90 -1.83 20.94
C HIS G 3 -4.17 -0.58 21.74
N GLY G 4 -3.15 0.16 22.16
CA GLY G 4 -3.44 1.36 22.92
C GLY G 4 -2.35 2.36 22.70
N GLU G 5 -2.69 3.64 22.69
CA GLU G 5 -1.71 4.71 22.50
C GLU G 5 -0.60 4.67 23.56
#